data_7PU1
#
_entry.id   7PU1
#
_cell.length_a   37.653
_cell.length_b   89.046
_cell.length_c   70.470
_cell.angle_alpha   90.000
_cell.angle_beta   103.335
_cell.angle_gamma   90.000
#
_symmetry.space_group_name_H-M   'P 1 21 1'
#
loop_
_entity.id
_entity.type
_entity.pdbx_description
1 polymer 'Gh61 isozyme a'
2 non-polymer 'COPPER (II) ION'
3 non-polymer 2-acetamido-2-deoxy-beta-D-glucopyranose
4 non-polymer 'CHLORIDE ION'
5 water water
#
_entity_poly.entity_id   1
_entity_poly.type   'polypeptide(L)'
_entity_poly.pdbx_seq_one_letter_code
;(HIC)GFVQNIVIDGKNYGGYLVNQYPYMSNPPEVIAWSTTATDLGFVDGTGYQTPDIICHRGAKPGALTAPVSPGGTVE
LQWTPWPDSHHGPVINYLAPCNGDCSTVDKTQLEFFKIAESGLINDDNPPGIWASDNLIAANNSWTVTIPTTIAPGNYVL
RHEIIALHSAQNQDGAQNYPQCINLQVTGGGSDNPAGTLGTALYHDTDPGILINIYQKLSSYIIPGPPLYTG
;
_entity_poly.pdbx_strand_id   AAA,BBB
#
# COMPACT_ATOMS: atom_id res chain seq x y z
N GLY A 2 11.90 -8.80 7.39
CA GLY A 2 10.92 -8.01 6.70
C GLY A 2 9.67 -7.84 7.53
N PHE A 3 8.73 -7.08 7.01
CA PHE A 3 7.47 -6.82 7.71
C PHE A 3 6.41 -6.43 6.70
N VAL A 4 5.17 -6.40 7.14
CA VAL A 4 4.04 -5.96 6.32
C VAL A 4 3.95 -4.45 6.31
N GLN A 5 4.00 -3.84 5.11
CA GLN A 5 3.98 -2.39 4.96
C GLN A 5 2.64 -1.84 4.52
N ASN A 6 1.77 -2.65 3.93
CA ASN A 6 0.55 -2.16 3.32
C ASN A 6 -0.44 -3.30 3.25
N ILE A 7 -1.71 -2.97 3.36
CA ILE A 7 -2.82 -3.95 3.31
C ILE A 7 -3.86 -3.42 2.33
N VAL A 8 -4.24 -4.20 1.35
CA VAL A 8 -5.24 -3.79 0.34
C VAL A 8 -6.53 -4.50 0.64
N ILE A 9 -7.60 -3.75 0.86
CA ILE A 9 -8.93 -4.29 1.18
C ILE A 9 -9.94 -3.42 0.43
N ASP A 10 -10.82 -4.06 -0.34
CA ASP A 10 -11.95 -3.42 -1.03
C ASP A 10 -11.56 -2.13 -1.74
N GLY A 11 -10.47 -2.22 -2.47
CA GLY A 11 -10.08 -1.15 -3.39
C GLY A 11 -9.36 0.02 -2.76
N LYS A 12 -8.89 -0.08 -1.53
CA LYS A 12 -8.08 0.97 -0.92
C LYS A 12 -6.92 0.33 -0.20
N ASN A 13 -5.91 1.17 0.05
CA ASN A 13 -4.78 0.78 0.89
C ASN A 13 -4.98 1.25 2.30
N TYR A 14 -4.67 0.35 3.22
CA TYR A 14 -4.50 0.67 4.65
CA TYR A 14 -4.53 0.60 4.66
C TYR A 14 -3.04 0.51 4.95
N GLY A 15 -2.39 1.58 5.36
CA GLY A 15 -0.97 1.49 5.65
C GLY A 15 -0.71 0.56 6.83
N GLY A 16 0.42 -0.11 6.76
CA GLY A 16 0.85 -1.01 7.83
C GLY A 16 1.57 -0.30 8.94
N TYR A 17 2.03 -1.12 9.90
CA TYR A 17 2.87 -0.60 11.02
C TYR A 17 4.28 -0.60 10.52
N LEU A 18 4.82 0.57 10.20
CA LEU A 18 6.13 0.70 9.57
C LEU A 18 7.17 0.69 10.71
N VAL A 19 7.62 -0.51 11.06
CA VAL A 19 8.42 -0.76 12.25
C VAL A 19 9.80 -0.13 12.16
N ASN A 20 10.25 0.25 10.97
CA ASN A 20 11.50 0.99 10.76
C ASN A 20 11.33 2.49 10.74
N GLN A 21 10.14 2.99 11.06
CA GLN A 21 9.86 4.43 10.99
C GLN A 21 9.11 4.83 12.26
N TYR A 22 7.94 4.26 12.46
CA TYR A 22 6.98 4.71 13.48
C TYR A 22 7.58 4.63 14.88
N PRO A 23 8.38 3.59 15.26
CA PRO A 23 8.97 3.54 16.58
C PRO A 23 9.96 4.72 16.90
N TYR A 24 10.40 5.44 15.89
CA TYR A 24 11.36 6.51 16.06
C TYR A 24 10.69 7.90 16.07
N MET A 25 9.39 8.00 15.84
CA MET A 25 8.62 9.25 15.74
C MET A 25 7.80 9.56 16.97
N SER A 26 7.57 10.85 17.14
CA SER A 26 6.74 11.34 18.26
C SER A 26 5.26 11.00 18.08
N ASN A 27 4.80 11.08 16.83
CA ASN A 27 3.38 11.10 16.43
C ASN A 27 3.08 10.03 15.42
N PRO A 28 3.27 8.73 15.72
CA PRO A 28 3.00 7.69 14.75
C PRO A 28 1.52 7.64 14.45
N PRO A 29 1.12 7.28 13.21
CA PRO A 29 -0.27 7.32 12.86
C PRO A 29 -1.02 6.12 13.50
N GLU A 30 -2.32 6.29 13.64
CA GLU A 30 -3.22 5.18 13.93
C GLU A 30 -3.36 4.37 12.67
N VAL A 31 -3.28 3.04 12.83
CA VAL A 31 -3.37 2.10 11.70
C VAL A 31 -4.15 0.87 12.16
N ILE A 32 -4.51 0.05 11.18
CA ILE A 32 -5.18 -1.24 11.46
C ILE A 32 -4.17 -2.29 11.93
N ALA A 33 -2.89 -2.05 11.71
CA ALA A 33 -1.83 -3.01 12.03
C ALA A 33 -1.37 -2.80 13.47
N TRP A 34 -1.04 -3.92 14.11
CA TRP A 34 -0.50 -3.91 15.46
C TRP A 34 0.88 -3.25 15.43
N SER A 35 1.18 -2.48 16.49
CA SER A 35 2.56 -2.04 16.68
C SER A 35 3.38 -3.21 17.22
N THR A 36 4.69 -3.19 16.93
CA THR A 36 5.63 -4.15 17.50
C THR A 36 6.88 -3.41 17.86
N THR A 37 7.76 -4.09 18.61
CA THR A 37 9.10 -3.57 18.92
C THR A 37 10.16 -4.25 18.11
N ALA A 38 9.80 -4.92 17.02
CA ALA A 38 10.75 -5.72 16.24
C ALA A 38 11.44 -4.85 15.19
N THR A 39 12.14 -3.82 15.68
CA THR A 39 12.82 -2.84 14.85
C THR A 39 14.06 -3.39 14.15
N ASP A 40 14.51 -4.58 14.52
CA ASP A 40 15.53 -5.32 13.78
C ASP A 40 14.93 -5.99 12.54
N LEU A 41 13.63 -5.88 12.29
CA LEU A 41 12.90 -6.52 11.15
CA LEU A 41 12.96 -6.52 11.14
C LEU A 41 13.01 -8.03 11.27
N GLY A 42 13.22 -8.53 12.47
CA GLY A 42 13.49 -9.94 12.70
C GLY A 42 12.30 -10.76 13.12
N PHE A 43 12.59 -11.75 13.94
CA PHE A 43 11.71 -12.92 14.10
C PHE A 43 11.53 -13.29 15.55
N VAL A 44 10.59 -14.19 15.78
CA VAL A 44 10.44 -14.92 17.06
C VAL A 44 10.86 -16.35 16.73
N ASP A 45 11.91 -16.86 17.39
CA ASP A 45 12.35 -18.25 17.17
C ASP A 45 11.74 -19.13 18.25
N GLY A 46 12.14 -20.39 18.26
CA GLY A 46 11.50 -21.37 19.12
C GLY A 46 11.66 -21.08 20.59
N THR A 47 12.66 -20.31 20.95
CA THR A 47 12.80 -19.93 22.36
C THR A 47 11.63 -19.06 22.80
N GLY A 48 10.91 -18.45 21.85
CA GLY A 48 9.76 -17.56 22.17
C GLY A 48 8.41 -18.18 21.97
N TYR A 49 8.29 -19.44 21.57
CA TYR A 49 6.97 -20.00 21.21
C TYR A 49 6.00 -20.08 22.35
N GLN A 50 6.48 -20.16 23.60
CA GLN A 50 5.61 -20.19 24.79
C GLN A 50 5.69 -18.87 25.53
N THR A 51 6.03 -17.79 24.84
CA THR A 51 6.04 -16.45 25.38
C THR A 51 5.05 -15.60 24.60
N PRO A 52 4.64 -14.45 25.15
CA PRO A 52 3.68 -13.61 24.43
C PRO A 52 4.17 -13.08 23.10
N ASP A 53 5.49 -13.08 22.88
CA ASP A 53 6.04 -12.55 21.62
C ASP A 53 5.53 -13.26 20.39
N ILE A 54 5.20 -14.55 20.52
CA ILE A 54 4.77 -15.29 19.32
C ILE A 54 3.40 -14.84 18.83
N ILE A 55 2.60 -14.17 19.67
CA ILE A 55 1.18 -13.93 19.34
C ILE A 55 1.11 -12.99 18.13
N CYS A 56 1.65 -11.79 18.28
CA CYS A 56 1.63 -10.76 17.22
C CYS A 56 3.01 -10.09 17.07
N HIS A 57 4.06 -10.83 17.41
CA HIS A 57 5.45 -10.38 17.36
C HIS A 57 5.85 -9.64 18.66
N ARG A 58 7.12 -9.38 18.78
CA ARG A 58 7.71 -8.83 20.02
C ARG A 58 7.04 -7.53 20.41
N GLY A 59 6.66 -7.48 21.66
CA GLY A 59 6.13 -6.26 22.24
C GLY A 59 4.83 -5.77 21.61
N ALA A 60 4.07 -6.62 20.95
CA ALA A 60 3.01 -6.12 20.11
C ALA A 60 1.85 -5.54 20.90
N LYS A 61 1.21 -4.53 20.36
CA LYS A 61 -0.01 -3.94 20.91
C LYS A 61 -1.00 -3.76 19.78
N PRO A 62 -2.30 -3.86 20.10
CA PRO A 62 -3.29 -3.75 19.03
C PRO A 62 -3.27 -2.45 18.24
N GLY A 63 -3.50 -2.55 16.97
CA GLY A 63 -3.77 -1.35 16.20
C GLY A 63 -4.99 -0.61 16.73
N ALA A 64 -5.00 0.71 16.52
CA ALA A 64 -6.14 1.54 16.94
C ALA A 64 -7.31 1.31 16.03
N LEU A 65 -7.12 1.05 14.76
CA LEU A 65 -8.17 1.02 13.78
C LEU A 65 -8.53 -0.40 13.41
N THR A 66 -9.68 -0.56 12.80
CA THR A 66 -10.19 -1.86 12.31
C THR A 66 -10.73 -1.64 10.89
N ALA A 67 -10.37 -2.53 9.97
CA ALA A 67 -10.81 -2.41 8.58
C ALA A 67 -12.00 -3.32 8.33
N PRO A 68 -13.13 -2.84 7.82
CA PRO A 68 -14.22 -3.68 7.32
CA PRO A 68 -14.18 -3.79 7.43
C PRO A 68 -13.79 -4.52 6.15
N VAL A 69 -14.28 -5.74 6.08
CA VAL A 69 -14.07 -6.62 4.93
C VAL A 69 -15.46 -7.07 4.46
N SER A 70 -15.67 -6.94 3.16
CA SER A 70 -16.91 -7.41 2.54
C SER A 70 -17.02 -8.90 2.82
N PRO A 71 -18.26 -9.46 2.73
CA PRO A 71 -18.44 -10.90 2.99
CA PRO A 71 -18.46 -10.89 2.98
C PRO A 71 -17.65 -11.73 1.97
N GLY A 72 -16.79 -12.61 2.47
CA GLY A 72 -15.93 -13.42 1.61
C GLY A 72 -14.88 -12.61 0.85
N GLY A 73 -14.60 -11.40 1.30
CA GLY A 73 -13.65 -10.51 0.65
C GLY A 73 -12.21 -10.91 0.93
N THR A 74 -11.34 -10.28 0.16
CA THR A 74 -9.91 -10.52 0.26
C THR A 74 -9.22 -9.42 1.06
N VAL A 75 -8.12 -9.89 1.65
CA VAL A 75 -7.16 -9.03 2.35
C VAL A 75 -5.80 -9.32 1.80
N GLU A 76 -5.17 -8.36 1.13
CA GLU A 76 -3.87 -8.56 0.50
C GLU A 76 -2.82 -7.88 1.37
N LEU A 77 -1.89 -8.67 1.89
CA LEU A 77 -0.80 -8.13 2.73
C LEU A 77 0.45 -8.00 1.88
N GLN A 78 1.06 -6.85 1.89
CA GLN A 78 2.21 -6.52 1.08
C GLN A 78 3.43 -6.34 1.97
N TRP A 79 4.42 -7.17 1.77
CA TRP A 79 5.66 -7.19 2.55
C TRP A 79 6.74 -6.35 1.93
N THR A 80 7.71 -5.96 2.74
CA THR A 80 9.03 -5.60 2.21
C THR A 80 9.62 -6.77 1.45
N PRO A 81 10.65 -6.57 0.65
CA PRO A 81 11.09 -7.68 -0.23
C PRO A 81 11.55 -8.89 0.59
N TRP A 82 10.97 -10.04 0.31
CA TRP A 82 11.26 -11.21 1.13
C TRP A 82 12.47 -11.92 0.60
N PRO A 83 13.40 -12.33 1.45
CA PRO A 83 14.62 -12.96 0.88
C PRO A 83 14.34 -14.33 0.28
N ASP A 84 14.94 -14.61 -0.86
CA ASP A 84 14.85 -15.92 -1.50
C ASP A 84 15.28 -17.03 -0.54
N SER A 85 16.30 -16.77 0.25
CA SER A 85 16.83 -17.82 1.12
C SER A 85 15.86 -18.25 2.18
N HIS A 86 14.90 -17.39 2.55
CA HIS A 86 14.03 -17.60 3.71
C HIS A 86 12.81 -18.43 3.35
N HIS A 87 13.08 -19.65 2.90
CA HIS A 87 12.04 -20.59 2.45
C HIS A 87 11.20 -21.03 3.60
N GLY A 88 9.88 -21.07 3.40
CA GLY A 88 9.02 -21.69 4.40
C GLY A 88 7.56 -21.41 4.14
N PRO A 89 6.71 -21.92 5.04
CA PRO A 89 5.27 -21.78 4.88
C PRO A 89 4.77 -20.36 5.18
N VAL A 90 3.60 -20.10 4.66
CA VAL A 90 2.81 -18.88 4.93
C VAL A 90 1.49 -19.35 5.54
N ILE A 91 1.14 -18.83 6.69
CA ILE A 91 0.03 -19.35 7.49
C ILE A 91 -0.82 -18.19 7.96
N ASN A 92 -2.13 -18.37 8.01
CA ASN A 92 -3.07 -17.30 8.39
C ASN A 92 -4.05 -17.81 9.41
N TYR A 93 -4.31 -16.98 10.43
CA TYR A 93 -5.22 -17.31 11.50
C TYR A 93 -6.14 -16.13 11.77
N LEU A 94 -7.34 -16.40 12.28
CA LEU A 94 -8.20 -15.36 12.84
C LEU A 94 -8.43 -15.65 14.31
N ALA A 95 -8.63 -14.63 15.13
CA ALA A 95 -9.10 -14.79 16.50
C ALA A 95 -10.13 -13.71 16.78
N PRO A 96 -11.30 -14.11 17.36
CA PRO A 96 -12.34 -13.11 17.65
C PRO A 96 -11.90 -12.16 18.76
N CYS A 97 -12.24 -10.88 18.57
CA CYS A 97 -11.99 -9.84 19.56
C CYS A 97 -13.13 -9.72 20.60
N ASN A 98 -14.31 -10.17 20.24
CA ASN A 98 -15.47 -10.12 21.14
C ASN A 98 -15.61 -8.69 21.72
N GLY A 99 -15.55 -7.71 20.85
CA GLY A 99 -15.52 -6.29 21.23
C GLY A 99 -14.56 -5.62 20.27
N ASP A 100 -14.08 -4.44 20.66
CA ASP A 100 -13.14 -3.65 19.84
C ASP A 100 -11.78 -4.35 19.88
N CYS A 101 -11.23 -4.62 18.71
CA CYS A 101 -9.89 -5.22 18.69
C CYS A 101 -8.84 -4.32 19.32
N SER A 102 -9.06 -3.00 19.32
CA SER A 102 -8.02 -2.09 19.81
C SER A 102 -7.77 -2.26 21.30
N THR A 103 -8.68 -2.87 22.02
CA THR A 103 -8.51 -3.06 23.48
C THR A 103 -8.37 -4.53 23.88
N VAL A 104 -8.15 -5.44 22.93
CA VAL A 104 -8.10 -6.89 23.33
CA VAL A 104 -8.13 -6.87 23.31
C VAL A 104 -6.85 -7.18 24.13
N ASP A 105 -6.95 -8.16 25.00
CA ASP A 105 -5.81 -8.80 25.66
C ASP A 105 -5.27 -9.91 24.77
N LYS A 106 -4.13 -9.64 24.15
CA LYS A 106 -3.58 -10.58 23.16
C LYS A 106 -3.36 -11.97 23.73
N THR A 107 -3.09 -12.08 25.03
CA THR A 107 -2.75 -13.37 25.65
C THR A 107 -3.96 -14.27 25.80
N GLN A 108 -5.16 -13.75 25.53
CA GLN A 108 -6.44 -14.48 25.61
CA GLN A 108 -6.34 -14.67 25.58
C GLN A 108 -7.01 -14.77 24.22
N LEU A 109 -6.38 -14.30 23.15
CA LEU A 109 -6.85 -14.53 21.79
C LEU A 109 -6.78 -16.03 21.49
N GLU A 110 -7.85 -16.56 20.93
CA GLU A 110 -7.88 -17.98 20.54
C GLU A 110 -8.00 -18.06 19.03
N PHE A 111 -6.88 -18.40 18.42
CA PHE A 111 -6.73 -18.39 16.94
C PHE A 111 -7.18 -19.67 16.32
N PHE A 112 -7.86 -19.56 15.18
CA PHE A 112 -8.13 -20.71 14.32
C PHE A 112 -7.47 -20.46 12.98
N LYS A 113 -6.92 -21.52 12.40
CA LYS A 113 -6.22 -21.45 11.13
C LYS A 113 -7.20 -21.36 9.98
N ILE A 114 -7.08 -20.31 9.17
CA ILE A 114 -7.96 -20.17 7.99
C ILE A 114 -7.28 -20.45 6.69
N ALA A 115 -5.95 -20.49 6.62
CA ALA A 115 -5.25 -20.82 5.38
C ALA A 115 -3.85 -21.26 5.76
N GLU A 116 -3.28 -22.14 4.96
CA GLU A 116 -1.89 -22.55 5.11
C GLU A 116 -1.36 -23.01 3.77
N SER A 117 -0.09 -22.69 3.54
CA SER A 117 0.64 -23.09 2.33
CA SER A 117 0.64 -23.11 2.32
C SER A 117 2.07 -23.43 2.77
N GLY A 118 2.61 -24.52 2.20
CA GLY A 118 3.88 -25.06 2.64
C GLY A 118 4.89 -25.25 1.54
N LEU A 119 5.27 -26.52 1.37
CA LEU A 119 6.23 -26.93 0.33
C LEU A 119 5.47 -27.13 -0.96
N ILE A 120 5.81 -26.41 -2.01
CA ILE A 120 5.06 -26.43 -3.30
C ILE A 120 5.71 -27.42 -4.25
N ASN A 121 7.02 -27.43 -4.33
CA ASN A 121 7.75 -28.30 -5.27
C ASN A 121 9.11 -28.57 -4.68
N ASP A 122 9.64 -29.75 -4.89
CA ASP A 122 10.95 -30.11 -4.34
C ASP A 122 11.86 -30.71 -5.43
N ASP A 123 11.71 -30.35 -6.67
CA ASP A 123 12.57 -30.91 -7.72
C ASP A 123 14.02 -30.53 -7.47
N ASN A 124 14.28 -29.33 -6.97
CA ASN A 124 15.65 -28.83 -6.72
C ASN A 124 15.73 -28.37 -5.26
N PRO A 125 16.11 -29.27 -4.32
CA PRO A 125 16.26 -28.87 -2.89
C PRO A 125 17.08 -27.62 -2.81
N PRO A 126 16.73 -26.65 -1.94
CA PRO A 126 15.72 -26.75 -0.88
C PRO A 126 14.28 -26.57 -1.32
N GLY A 127 14.00 -26.42 -2.61
CA GLY A 127 12.63 -26.41 -3.12
C GLY A 127 11.99 -25.04 -3.17
N ILE A 128 10.74 -25.07 -3.60
CA ILE A 128 9.89 -23.88 -3.79
C ILE A 128 8.77 -23.98 -2.79
N TRP A 129 8.66 -22.92 -1.99
CA TRP A 129 7.75 -22.88 -0.84
C TRP A 129 6.74 -21.77 -1.03
N ALA A 130 5.77 -21.70 -0.11
CA ALA A 130 4.81 -20.59 -0.08
C ALA A 130 5.54 -19.24 -0.05
N SER A 131 6.63 -19.14 0.68
CA SER A 131 7.36 -17.86 0.72
C SER A 131 7.90 -17.48 -0.66
N ASP A 132 8.28 -18.47 -1.45
CA ASP A 132 8.70 -18.21 -2.84
C ASP A 132 7.52 -17.78 -3.73
N ASN A 133 6.35 -18.36 -3.49
CA ASN A 133 5.12 -17.85 -4.16
C ASN A 133 4.89 -16.40 -3.78
N LEU A 134 5.09 -16.05 -2.51
CA LEU A 134 4.90 -14.68 -2.03
C LEU A 134 5.85 -13.75 -2.77
N ILE A 135 7.12 -14.14 -2.89
CA ILE A 135 8.09 -13.34 -3.65
C ILE A 135 7.63 -13.17 -5.09
N ALA A 136 7.20 -14.25 -5.71
CA ALA A 136 6.81 -14.25 -7.13
C ALA A 136 5.62 -13.32 -7.36
N ALA A 137 4.75 -13.18 -6.38
CA ALA A 137 3.61 -12.28 -6.40
C ALA A 137 4.05 -10.82 -6.02
N ASN A 138 5.33 -10.52 -6.20
CA ASN A 138 5.85 -9.17 -5.83
CA ASN A 138 5.81 -9.15 -5.87
C ASN A 138 5.55 -8.86 -4.36
N ASN A 139 5.87 -9.85 -3.58
CA ASN A 139 5.93 -9.75 -2.13
C ASN A 139 4.56 -9.50 -1.52
N SER A 140 3.63 -10.31 -1.90
CA SER A 140 2.22 -10.12 -1.52
C SER A 140 1.64 -11.48 -1.16
N TRP A 141 0.63 -11.45 -0.32
CA TRP A 141 -0.15 -12.62 0.01
C TRP A 141 -1.62 -12.22 0.06
N THR A 142 -2.50 -13.01 -0.50
CA THR A 142 -3.94 -12.72 -0.49
C THR A 142 -4.66 -13.73 0.38
N VAL A 143 -5.40 -13.26 1.37
CA VAL A 143 -6.19 -14.05 2.28
C VAL A 143 -7.63 -13.85 1.91
N THR A 144 -8.42 -14.91 1.82
CA THR A 144 -9.87 -14.83 1.66
C THR A 144 -10.52 -15.08 2.97
N ILE A 145 -11.33 -14.16 3.43
CA ILE A 145 -12.03 -14.33 4.72
C ILE A 145 -13.19 -15.28 4.53
N PRO A 146 -13.29 -16.35 5.34
CA PRO A 146 -14.41 -17.28 5.19
C PRO A 146 -15.76 -16.59 5.34
N THR A 147 -16.74 -17.13 4.63
CA THR A 147 -18.16 -16.67 4.71
C THR A 147 -18.93 -17.45 5.77
N THR A 148 -18.31 -18.47 6.35
CA THR A 148 -19.02 -19.41 7.26
C THR A 148 -18.81 -19.08 8.74
N ILE A 149 -17.99 -18.10 9.07
CA ILE A 149 -17.73 -17.73 10.47
C ILE A 149 -18.65 -16.63 10.92
N ALA A 150 -18.91 -16.58 12.20
CA ALA A 150 -19.74 -15.55 12.79
C ALA A 150 -19.13 -14.21 12.46
N PRO A 151 -19.93 -13.25 12.01
CA PRO A 151 -19.44 -11.88 11.88
C PRO A 151 -18.99 -11.32 13.22
N GLY A 152 -18.10 -10.33 13.17
CA GLY A 152 -17.60 -9.64 14.35
C GLY A 152 -16.23 -9.09 14.07
N ASN A 153 -15.60 -8.56 15.09
CA ASN A 153 -14.25 -8.03 14.92
C ASN A 153 -13.23 -9.13 15.24
N TYR A 154 -12.19 -9.25 14.44
CA TYR A 154 -11.21 -10.33 14.51
C TYR A 154 -9.82 -9.76 14.28
N VAL A 155 -8.85 -10.39 14.94
CA VAL A 155 -7.43 -10.20 14.58
C VAL A 155 -7.08 -11.22 13.53
N LEU A 156 -6.48 -10.74 12.44
CA LEU A 156 -5.80 -11.62 11.46
C LEU A 156 -4.32 -11.66 11.82
N ARG A 157 -3.85 -12.87 12.10
CA ARG A 157 -2.43 -13.16 12.36
C ARG A 157 -1.88 -13.83 11.13
N HIS A 158 -1.08 -13.08 10.39
CA HIS A 158 -0.48 -13.49 9.12
C HIS A 158 1.00 -13.78 9.34
N GLU A 159 1.54 -14.86 8.85
CA GLU A 159 2.90 -15.28 9.26
C GLU A 159 3.64 -16.01 8.16
N ILE A 160 4.92 -15.68 8.05
CA ILE A 160 5.89 -16.47 7.32
C ILE A 160 6.76 -17.17 8.36
N ILE A 161 7.08 -18.45 8.15
CA ILE A 161 8.09 -19.15 8.97
C ILE A 161 9.25 -19.49 8.06
N ALA A 162 10.40 -18.86 8.27
CA ALA A 162 11.59 -19.14 7.46
C ALA A 162 12.37 -20.30 8.05
N LEU A 163 12.75 -21.26 7.21
CA LEU A 163 13.32 -22.53 7.62
C LEU A 163 14.77 -22.71 7.19
N HIS A 164 15.41 -21.68 6.70
CA HIS A 164 16.80 -21.82 6.18
C HIS A 164 17.81 -22.13 7.25
N SER A 165 17.50 -21.91 8.51
CA SER A 165 18.35 -22.23 9.67
C SER A 165 17.69 -23.21 10.59
N ALA A 166 16.65 -23.91 10.14
CA ALA A 166 15.80 -24.71 11.01
C ALA A 166 16.31 -26.11 11.32
N GLN A 167 17.50 -26.44 10.86
CA GLN A 167 18.04 -27.76 11.10
C GLN A 167 18.32 -27.97 12.54
N ASN A 168 18.61 -26.93 13.25
CA ASN A 168 18.87 -27.02 14.70
C ASN A 168 17.74 -26.47 15.54
N GLN A 169 17.70 -26.92 16.78
CA GLN A 169 16.64 -26.53 17.69
C GLN A 169 16.64 -25.00 17.82
N ASP A 170 15.45 -24.49 17.79
CA ASP A 170 15.12 -23.07 17.90
C ASP A 170 15.62 -22.26 16.71
N GLY A 171 15.90 -22.90 15.60
CA GLY A 171 16.44 -22.25 14.41
C GLY A 171 15.37 -21.69 13.47
N ALA A 172 14.15 -22.19 13.49
CA ALA A 172 13.10 -21.63 12.65
C ALA A 172 12.81 -20.20 13.09
N GLN A 173 12.44 -19.37 12.12
CA GLN A 173 12.24 -17.93 12.33
C GLN A 173 10.82 -17.57 12.00
N ASN A 174 10.03 -17.22 12.98
CA ASN A 174 8.60 -16.89 12.76
C ASN A 174 8.46 -15.39 12.62
N TYR A 175 7.68 -14.95 11.63
CA TYR A 175 7.43 -13.55 11.33
C TYR A 175 5.94 -13.28 11.34
N PRO A 176 5.33 -13.21 12.52
CA PRO A 176 3.90 -12.87 12.62
C PRO A 176 3.67 -11.37 12.45
N GLN A 177 2.56 -11.03 11.80
CA GLN A 177 2.09 -9.66 11.61
C GLN A 177 0.57 -9.68 11.79
N CYS A 178 0.08 -8.86 12.71
CA CYS A 178 -1.35 -8.84 13.04
C CYS A 178 -2.02 -7.56 12.55
N ILE A 179 -3.26 -7.69 12.10
CA ILE A 179 -4.11 -6.57 11.71
C ILE A 179 -5.50 -6.79 12.25
N ASN A 180 -6.27 -5.71 12.38
CA ASN A 180 -7.65 -5.78 12.91
C ASN A 180 -8.65 -5.67 11.76
N LEU A 181 -9.60 -6.60 11.75
CA LEU A 181 -10.64 -6.69 10.73
C LEU A 181 -12.03 -6.72 11.34
N GLN A 182 -12.98 -6.17 10.58
CA GLN A 182 -14.42 -6.37 10.85
C GLN A 182 -14.95 -7.31 9.80
N VAL A 183 -15.31 -8.53 10.21
CA VAL A 183 -15.88 -9.57 9.34
C VAL A 183 -17.39 -9.35 9.28
N THR A 184 -17.91 -9.42 8.09
CA THR A 184 -19.32 -9.14 7.84
C THR A 184 -19.96 -10.31 7.11
N GLY A 185 -21.29 -10.42 7.23
CA GLY A 185 -22.06 -11.44 6.46
C GLY A 185 -22.98 -12.26 7.29
N GLY A 186 -23.20 -13.49 6.83
CA GLY A 186 -24.23 -14.35 7.41
C GLY A 186 -23.70 -15.67 7.96
N GLY A 187 -22.43 -15.78 8.26
CA GLY A 187 -21.93 -17.03 8.81
C GLY A 187 -22.31 -17.19 10.26
N SER A 188 -22.10 -18.39 10.80
CA SER A 188 -22.45 -18.70 12.18
C SER A 188 -21.40 -19.48 12.94
N ASP A 189 -20.36 -19.97 12.30
CA ASP A 189 -19.42 -20.82 13.03
C ASP A 189 -18.57 -19.99 13.99
N ASN A 190 -18.25 -20.59 15.12
CA ASN A 190 -17.25 -20.05 16.08
C ASN A 190 -16.18 -21.15 16.20
N PRO A 191 -15.22 -21.22 15.25
CA PRO A 191 -14.33 -22.37 15.20
C PRO A 191 -13.48 -22.45 16.46
N ALA A 192 -13.13 -23.64 16.82
CA ALA A 192 -12.30 -23.90 17.98
C ALA A 192 -10.92 -23.27 17.78
N GLY A 193 -10.53 -22.49 18.76
CA GLY A 193 -9.30 -21.74 18.74
C GLY A 193 -8.19 -22.34 19.63
N THR A 194 -6.99 -21.79 19.40
CA THR A 194 -5.75 -22.17 20.05
C THR A 194 -5.08 -20.89 20.54
N LEU A 195 -4.67 -20.84 21.80
CA LEU A 195 -3.90 -19.68 22.25
C LEU A 195 -2.62 -19.55 21.42
N GLY A 196 -2.16 -18.30 21.22
CA GLY A 196 -0.93 -18.06 20.47
C GLY A 196 0.25 -18.89 20.98
N THR A 197 0.38 -18.99 22.30
CA THR A 197 1.47 -19.73 22.96
C THR A 197 1.29 -21.24 22.84
N ALA A 198 0.21 -21.74 22.24
CA ALA A 198 0.03 -23.18 22.02
C ALA A 198 0.06 -23.52 20.54
N LEU A 199 0.35 -22.54 19.67
CA LEU A 199 0.39 -22.85 18.23
C LEU A 199 1.52 -23.81 17.87
N TYR A 200 2.73 -23.52 18.37
CA TYR A 200 3.96 -24.17 17.89
C TYR A 200 4.82 -24.65 19.03
N HIS A 201 5.56 -25.71 18.77
CA HIS A 201 6.64 -26.16 19.63
C HIS A 201 7.88 -26.34 18.80
N ASP A 202 9.03 -26.19 19.48
CA ASP A 202 10.32 -26.13 18.77
C ASP A 202 10.80 -27.48 18.26
N THR A 203 10.06 -28.55 18.52
CA THR A 203 10.37 -29.86 17.99
C THR A 203 9.36 -30.27 16.90
N ASP A 204 8.44 -29.42 16.50
CA ASP A 204 7.44 -29.83 15.51
C ASP A 204 8.09 -30.26 14.20
N PRO A 205 7.49 -31.23 13.49
CA PRO A 205 8.15 -31.78 12.31
C PRO A 205 8.31 -30.80 11.15
N GLY A 206 7.53 -29.72 11.11
CA GLY A 206 7.72 -28.68 10.11
C GLY A 206 8.48 -27.48 10.59
N ILE A 207 9.00 -27.58 11.82
CA ILE A 207 9.77 -26.51 12.54
CA ILE A 207 9.81 -26.50 12.40
C ILE A 207 11.25 -26.92 12.62
N LEU A 208 11.50 -28.13 13.14
CA LEU A 208 12.84 -28.67 13.34
C LEU A 208 13.04 -29.61 12.12
N ILE A 209 13.73 -29.11 11.12
CA ILE A 209 13.72 -29.73 9.79
C ILE A 209 14.92 -29.24 9.00
N ASN A 210 15.48 -30.13 8.20
CA ASN A 210 16.55 -29.81 7.28
C ASN A 210 15.97 -29.72 5.87
N ILE A 211 15.75 -28.51 5.38
CA ILE A 211 15.10 -28.31 4.08
C ILE A 211 16.04 -28.53 2.91
N TYR A 212 17.35 -28.73 3.21
CA TYR A 212 18.35 -28.84 2.14
C TYR A 212 18.43 -30.27 1.59
N GLN A 213 17.86 -31.21 2.30
CA GLN A 213 17.74 -32.61 1.89
C GLN A 213 16.46 -32.76 1.06
N LYS A 214 16.32 -33.83 0.37
CA LYS A 214 15.08 -34.10 -0.35
CA LYS A 214 15.10 -34.18 -0.37
C LYS A 214 13.96 -34.38 0.62
N LEU A 215 12.85 -33.72 0.39
CA LEU A 215 11.64 -33.84 1.22
C LEU A 215 10.53 -34.47 0.34
N SER A 216 9.93 -35.52 0.83
CA SER A 216 8.77 -36.15 0.15
C SER A 216 7.45 -35.63 0.70
N SER A 217 7.49 -34.91 1.80
CA SER A 217 6.28 -34.35 2.40
C SER A 217 6.74 -33.24 3.34
N TYR A 218 5.80 -32.46 3.80
CA TYR A 218 6.06 -31.35 4.74
C TYR A 218 4.80 -31.17 5.57
N ILE A 219 4.92 -31.22 6.86
CA ILE A 219 3.80 -31.03 7.79
C ILE A 219 3.77 -29.57 8.21
N ILE A 220 2.83 -28.80 7.68
CA ILE A 220 2.77 -27.39 8.01
C ILE A 220 2.43 -27.27 9.49
N PRO A 221 3.20 -26.45 10.24
CA PRO A 221 3.01 -26.25 11.67
CA PRO A 221 2.90 -26.47 11.66
C PRO A 221 1.62 -25.71 12.02
N GLY A 222 1.27 -25.85 13.28
CA GLY A 222 0.12 -25.23 13.89
C GLY A 222 -1.11 -26.15 13.91
N PRO A 223 -2.20 -25.67 14.50
CA PRO A 223 -3.43 -26.45 14.65
C PRO A 223 -4.12 -26.68 13.34
N PRO A 224 -5.15 -27.52 13.33
CA PRO A 224 -5.76 -27.93 12.07
C PRO A 224 -6.45 -26.78 11.35
N LEU A 225 -6.37 -26.81 10.04
CA LEU A 225 -7.11 -25.87 9.19
C LEU A 225 -8.58 -25.99 9.45
N TYR A 226 -9.24 -24.86 9.65
CA TYR A 226 -10.70 -24.76 9.67
C TYR A 226 -11.18 -24.67 8.25
N THR A 227 -12.16 -25.49 7.96
CA THR A 227 -12.96 -25.37 6.69
C THR A 227 -14.45 -25.46 7.05
N GLY A 228 -15.24 -24.43 6.79
CA GLY A 228 -16.68 -24.50 7.07
C GLY A 228 -17.45 -25.39 6.09
N GLY B 2 10.15 20.10 -12.88
CA GLY B 2 9.15 20.90 -13.52
C GLY B 2 7.93 21.02 -12.62
N PHE B 3 6.94 21.75 -13.09
CA PHE B 3 5.72 21.97 -12.33
C PHE B 3 4.60 22.34 -13.31
N VAL B 4 3.37 22.32 -12.81
CA VAL B 4 2.19 22.72 -13.61
C VAL B 4 2.07 24.23 -13.58
N GLN B 5 2.14 24.85 -14.79
CA GLN B 5 2.12 26.29 -14.92
C GLN B 5 0.73 26.83 -15.27
N ASN B 6 -0.17 26.02 -15.83
CA ASN B 6 -1.47 26.51 -16.28
C ASN B 6 -2.40 25.32 -16.36
N ILE B 7 -3.69 25.58 -16.15
CA ILE B 7 -4.74 24.57 -16.26
C ILE B 7 -5.82 25.11 -17.14
N VAL B 8 -6.28 24.31 -18.12
CA VAL B 8 -7.34 24.74 -19.04
C VAL B 8 -8.55 23.87 -18.82
N ILE B 9 -9.70 24.45 -18.53
CA ILE B 9 -10.92 23.69 -18.29
C ILE B 9 -12.07 24.41 -19.00
N ASP B 10 -12.77 23.69 -19.90
CA ASP B 10 -13.92 24.25 -20.63
C ASP B 10 -13.50 25.57 -21.29
N GLY B 11 -12.31 25.58 -21.89
CA GLY B 11 -11.81 26.72 -22.65
C GLY B 11 -11.14 27.81 -21.83
N LYS B 12 -11.26 27.80 -20.53
CA LYS B 12 -10.83 28.91 -19.68
CA LYS B 12 -10.83 28.92 -19.64
C LYS B 12 -9.48 28.57 -19.01
N ASN B 13 -8.62 29.56 -18.90
CA ASN B 13 -7.34 29.41 -18.22
C ASN B 13 -7.47 29.62 -16.72
N TYR B 14 -6.80 28.78 -15.96
CA TYR B 14 -6.62 28.93 -14.53
C TYR B 14 -5.11 28.79 -14.31
N GLY B 15 -4.46 29.90 -13.97
CA GLY B 15 -3.01 29.84 -13.79
C GLY B 15 -2.61 28.90 -12.70
N GLY B 16 -1.46 28.27 -12.87
CA GLY B 16 -0.90 27.40 -11.84
C GLY B 16 -0.21 28.12 -10.72
N TYR B 17 0.27 27.36 -9.75
CA TYR B 17 1.09 27.90 -8.69
C TYR B 17 2.50 27.99 -9.24
N LEU B 18 2.94 29.21 -9.55
CA LEU B 18 4.23 29.46 -10.22
C LEU B 18 5.31 29.41 -9.15
N VAL B 19 5.79 28.22 -8.88
CA VAL B 19 6.66 27.93 -7.71
C VAL B 19 8.02 28.57 -7.86
N ASN B 20 8.39 29.01 -9.07
CA ASN B 20 9.62 29.75 -9.33
C ASN B 20 9.45 31.25 -9.23
N GLN B 21 8.30 31.71 -8.73
CA GLN B 21 8.01 33.14 -8.74
C GLN B 21 7.20 33.53 -7.52
N TYR B 22 6.03 32.92 -7.34
CA TYR B 22 5.13 33.29 -6.24
C TYR B 22 5.74 33.18 -4.86
N PRO B 23 6.59 32.19 -4.57
CA PRO B 23 7.23 32.11 -3.25
C PRO B 23 8.13 33.30 -2.90
N TYR B 24 8.58 34.03 -3.90
CA TYR B 24 9.49 35.15 -3.76
C TYR B 24 8.78 36.50 -3.66
N MET B 25 7.45 36.54 -3.87
CA MET B 25 6.69 37.80 -3.93
C MET B 25 5.95 38.07 -2.65
N SER B 26 5.62 39.32 -2.47
CA SER B 26 4.80 39.77 -1.31
C SER B 26 3.35 39.33 -1.42
N ASN B 27 2.79 39.51 -2.58
CA ASN B 27 1.32 39.32 -2.74
C ASN B 27 1.00 38.44 -3.88
N PRO B 28 1.35 37.14 -3.83
CA PRO B 28 1.07 36.32 -4.99
C PRO B 28 -0.41 36.18 -5.20
N PRO B 29 -0.83 35.92 -6.43
CA PRO B 29 -2.24 35.82 -6.70
C PRO B 29 -2.87 34.55 -6.13
N GLU B 30 -4.15 34.65 -5.89
CA GLU B 30 -4.98 33.47 -5.59
C GLU B 30 -5.13 32.63 -6.86
N VAL B 31 -4.99 31.32 -6.69
CA VAL B 31 -5.13 30.37 -7.81
C VAL B 31 -5.84 29.14 -7.32
N ILE B 32 -6.22 28.28 -8.28
CA ILE B 32 -6.83 26.98 -7.93
C ILE B 32 -5.79 25.97 -7.49
N ALA B 33 -4.52 26.23 -7.79
CA ALA B 33 -3.41 25.32 -7.52
C ALA B 33 -2.91 25.50 -6.11
N TRP B 34 -2.52 24.40 -5.48
CA TRP B 34 -1.91 24.46 -4.14
C TRP B 34 -0.56 25.14 -4.19
N SER B 35 -0.29 25.94 -3.16
CA SER B 35 1.09 26.44 -2.99
C SER B 35 1.96 25.29 -2.54
N THR B 36 3.24 25.34 -2.86
CA THR B 36 4.24 24.40 -2.36
C THR B 36 5.49 25.17 -2.05
N THR B 37 6.40 24.50 -1.38
CA THR B 37 7.74 25.04 -1.11
C THR B 37 8.79 24.42 -2.01
N ALA B 38 8.38 23.74 -3.05
CA ALA B 38 9.30 23.00 -3.93
C ALA B 38 9.93 23.92 -5.00
N THR B 39 10.61 24.95 -4.52
CA THR B 39 11.24 25.97 -5.34
C THR B 39 12.45 25.46 -6.07
N ASP B 40 12.95 24.27 -5.75
CA ASP B 40 13.97 23.56 -6.56
C ASP B 40 13.34 22.91 -7.78
N LEU B 41 12.03 22.97 -7.96
CA LEU B 41 11.29 22.32 -9.10
CA LEU B 41 11.31 22.33 -9.09
C LEU B 41 11.41 20.81 -9.01
N GLY B 42 11.72 20.29 -7.83
CA GLY B 42 12.02 18.89 -7.65
C GLY B 42 10.89 18.05 -7.17
N PHE B 43 11.24 17.05 -6.38
CA PHE B 43 10.39 15.87 -6.17
C PHE B 43 10.28 15.50 -4.69
N VAL B 44 9.39 14.53 -4.46
CA VAL B 44 9.33 13.77 -3.18
C VAL B 44 9.77 12.36 -3.52
N ASP B 45 10.84 11.88 -2.90
CA ASP B 45 11.29 10.50 -3.18
C ASP B 45 10.79 9.58 -2.06
N GLY B 46 11.22 8.32 -2.10
CA GLY B 46 10.66 7.31 -1.22
C GLY B 46 10.86 7.64 0.25
N THR B 47 11.88 8.44 0.60
CA THR B 47 12.07 8.82 2.00
C THR B 47 10.88 9.64 2.50
N GLY B 48 10.11 10.24 1.60
CA GLY B 48 8.99 11.11 1.92
C GLY B 48 7.63 10.47 1.78
N TYR B 49 7.51 9.19 1.42
CA TYR B 49 6.18 8.61 1.09
C TYR B 49 5.25 8.54 2.28
N GLN B 50 5.79 8.55 3.51
CA GLN B 50 4.94 8.54 4.72
CA GLN B 50 4.95 8.55 4.73
C GLN B 50 5.08 9.87 5.46
N THR B 51 5.41 10.92 4.78
CA THR B 51 5.41 12.27 5.31
C THR B 51 4.31 13.05 4.65
N PRO B 52 3.90 14.19 5.19
CA PRO B 52 2.86 14.97 4.54
C PRO B 52 3.26 15.49 3.15
N ASP B 53 4.54 15.53 2.85
CA ASP B 53 5.01 16.08 1.58
C ASP B 53 4.47 15.30 0.39
N ILE B 54 4.20 14.00 0.53
CA ILE B 54 3.74 13.22 -0.63
C ILE B 54 2.35 13.63 -1.07
N ILE B 55 1.56 14.27 -0.19
CA ILE B 55 0.15 14.47 -0.48
C ILE B 55 -0.03 15.43 -1.67
N CYS B 56 0.49 16.64 -1.55
CA CYS B 56 0.40 17.66 -2.58
C CYS B 56 1.72 18.37 -2.82
N HIS B 57 2.83 17.67 -2.50
CA HIS B 57 4.21 18.17 -2.61
C HIS B 57 4.63 18.89 -1.34
N ARG B 58 5.92 19.22 -1.27
CA ARG B 58 6.51 19.76 -0.05
C ARG B 58 5.82 21.03 0.37
N GLY B 59 5.51 21.04 1.67
CA GLY B 59 4.99 22.24 2.32
C GLY B 59 3.66 22.70 1.76
N ALA B 60 2.89 21.84 1.11
CA ALA B 60 1.76 22.33 0.31
C ALA B 60 0.62 22.85 1.18
N LYS B 61 -0.08 23.84 0.67
CA LYS B 61 -1.30 24.39 1.29
C LYS B 61 -2.32 24.57 0.20
N PRO B 62 -3.61 24.40 0.52
CA PRO B 62 -4.63 24.49 -0.49
C PRO B 62 -4.65 25.81 -1.26
N GLY B 63 -4.95 25.72 -2.54
CA GLY B 63 -5.26 26.93 -3.29
C GLY B 63 -6.47 27.62 -2.71
N ALA B 64 -6.54 28.93 -2.91
CA ALA B 64 -7.70 29.70 -2.42
C ALA B 64 -8.90 29.48 -3.32
N LEU B 65 -8.72 29.22 -4.60
CA LEU B 65 -9.80 29.18 -5.59
C LEU B 65 -10.11 27.73 -5.95
N THR B 66 -11.29 27.55 -6.56
CA THR B 66 -11.78 26.28 -7.07
C THR B 66 -12.30 26.48 -8.48
N ALA B 67 -11.98 25.59 -9.39
CA ALA B 67 -12.46 25.70 -10.79
C ALA B 67 -13.61 24.73 -11.02
N PRO B 68 -14.72 25.20 -11.61
CA PRO B 68 -15.77 24.25 -12.00
C PRO B 68 -15.35 23.44 -13.23
N VAL B 69 -15.84 22.23 -13.26
CA VAL B 69 -15.67 21.37 -14.43
C VAL B 69 -17.01 21.01 -14.89
N SER B 70 -17.31 21.16 -16.18
CA SER B 70 -18.57 20.68 -16.74
C SER B 70 -18.70 19.18 -16.50
N PRO B 71 -19.90 18.63 -16.60
CA PRO B 71 -20.08 17.20 -16.31
C PRO B 71 -19.34 16.29 -17.28
N GLY B 72 -18.47 15.42 -16.76
CA GLY B 72 -17.62 14.54 -17.61
C GLY B 72 -16.58 15.32 -18.43
N GLY B 73 -16.31 16.53 -18.03
CA GLY B 73 -15.39 17.43 -18.69
C GLY B 73 -13.93 17.03 -18.47
N THR B 74 -13.11 17.68 -19.23
CA THR B 74 -11.67 17.42 -19.18
C THR B 74 -10.95 18.57 -18.52
N VAL B 75 -9.86 18.21 -17.86
CA VAL B 75 -8.92 19.16 -17.24
C VAL B 75 -7.59 19.00 -17.90
N GLU B 76 -7.04 20.02 -18.52
CA GLU B 76 -5.72 19.94 -19.15
C GLU B 76 -4.72 20.66 -18.26
N LEU B 77 -3.74 19.91 -17.78
CA LEU B 77 -2.66 20.43 -16.95
C LEU B 77 -1.44 20.63 -17.84
N GLN B 78 -0.93 21.87 -17.88
CA GLN B 78 0.18 22.27 -18.76
C GLN B 78 1.42 22.43 -17.94
N TRP B 79 2.39 21.58 -18.16
CA TRP B 79 3.67 21.57 -17.46
C TRP B 79 4.69 22.42 -18.12
N THR B 80 5.68 22.87 -17.35
CA THR B 80 6.97 23.30 -17.91
CA THR B 80 6.97 23.27 -17.91
C THR B 80 7.56 22.09 -18.65
N PRO B 81 8.55 22.29 -19.54
CA PRO B 81 8.91 21.16 -20.43
C PRO B 81 9.46 20.00 -19.64
N TRP B 82 8.93 18.81 -19.89
CA TRP B 82 9.30 17.66 -19.10
C TRP B 82 10.54 17.01 -19.70
N PRO B 83 11.53 16.63 -18.91
CA PRO B 83 12.73 16.06 -19.53
C PRO B 83 12.45 14.69 -20.16
N ASP B 84 13.00 14.47 -21.33
CA ASP B 84 12.93 13.15 -21.99
C ASP B 84 13.46 12.05 -21.08
N SER B 85 14.50 12.34 -20.33
CA SER B 85 15.12 11.33 -19.48
C SER B 85 14.21 10.84 -18.37
N HIS B 86 13.24 11.66 -17.95
CA HIS B 86 12.44 11.40 -16.73
C HIS B 86 11.23 10.52 -17.05
N HIS B 87 11.53 9.33 -17.54
CA HIS B 87 10.48 8.37 -17.93
C HIS B 87 9.70 7.87 -16.75
N GLY B 88 8.38 7.78 -16.88
CA GLY B 88 7.59 7.14 -15.85
C GLY B 88 6.12 7.34 -16.07
N PRO B 89 5.33 6.80 -15.13
CA PRO B 89 3.88 6.88 -15.21
C PRO B 89 3.35 8.28 -14.89
N VAL B 90 2.10 8.51 -15.32
CA VAL B 90 1.32 9.70 -14.97
C VAL B 90 0.04 9.17 -14.34
N ILE B 91 -0.28 9.67 -13.15
CA ILE B 91 -1.33 9.10 -12.32
C ILE B 91 -2.18 10.25 -11.78
N ASN B 92 -3.49 10.01 -11.70
CA ASN B 92 -4.46 11.05 -11.28
C ASN B 92 -5.41 10.51 -10.24
N TYR B 93 -5.63 11.33 -9.20
CA TYR B 93 -6.52 10.94 -8.09
C TYR B 93 -7.42 12.11 -7.76
N LEU B 94 -8.60 11.80 -7.23
CA LEU B 94 -9.47 12.79 -6.59
C LEU B 94 -9.64 12.49 -5.13
N ALA B 95 -9.83 13.51 -4.30
CA ALA B 95 -10.24 13.34 -2.91
C ALA B 95 -11.30 14.38 -2.60
N PRO B 96 -12.42 13.98 -1.96
CA PRO B 96 -13.48 14.93 -1.65
C PRO B 96 -13.03 15.92 -0.59
N CYS B 97 -13.46 17.17 -0.75
CA CYS B 97 -13.21 18.23 0.24
C CYS B 97 -14.36 18.35 1.25
N ASN B 98 -15.55 17.85 0.94
CA ASN B 98 -16.69 17.90 1.87
C ASN B 98 -16.88 19.32 2.37
N GLY B 99 -16.91 20.31 1.49
CA GLY B 99 -16.90 21.72 1.82
C GLY B 99 -15.90 22.42 0.93
N ASP B 100 -15.39 23.53 1.39
CA ASP B 100 -14.46 24.34 0.58
C ASP B 100 -13.10 23.68 0.57
N CYS B 101 -12.56 23.42 -0.60
CA CYS B 101 -11.20 22.84 -0.66
C CYS B 101 -10.14 23.77 -0.07
N SER B 102 -10.39 25.08 -0.02
CA SER B 102 -9.38 26.01 0.45
C SER B 102 -9.04 25.78 1.91
N THR B 103 -9.93 25.14 2.66
CA THR B 103 -9.74 24.96 4.10
C THR B 103 -9.52 23.50 4.47
N VAL B 104 -9.35 22.59 3.51
CA VAL B 104 -9.23 21.16 3.89
CA VAL B 104 -9.26 21.16 3.84
C VAL B 104 -7.96 20.88 4.63
N ASP B 105 -8.01 19.86 5.45
CA ASP B 105 -6.83 19.28 6.13
C ASP B 105 -6.27 18.18 5.23
N LYS B 106 -5.15 18.48 4.58
CA LYS B 106 -4.55 17.58 3.57
C LYS B 106 -4.25 16.21 4.15
N THR B 107 -3.94 16.14 5.44
CA THR B 107 -3.53 14.92 6.09
C THR B 107 -4.66 13.92 6.24
N GLN B 108 -5.90 14.32 6.02
CA GLN B 108 -7.04 13.43 6.12
C GLN B 108 -7.69 13.22 4.77
N LEU B 109 -7.17 13.80 3.70
CA LEU B 109 -7.74 13.54 2.37
C LEU B 109 -7.60 12.05 2.03
N GLU B 110 -8.65 11.47 1.44
CA GLU B 110 -8.66 10.07 1.04
C GLU B 110 -8.88 10.04 -0.45
N PHE B 111 -7.84 9.68 -1.17
CA PHE B 111 -7.76 9.72 -2.63
C PHE B 111 -8.26 8.45 -3.29
N PHE B 112 -9.00 8.60 -4.36
CA PHE B 112 -9.30 7.47 -5.25
C PHE B 112 -8.68 7.76 -6.61
N LYS B 113 -8.06 6.71 -7.18
CA LYS B 113 -7.40 6.83 -8.45
C LYS B 113 -8.45 6.90 -9.58
N ILE B 114 -8.36 7.94 -10.40
CA ILE B 114 -9.33 8.06 -11.53
C ILE B 114 -8.67 7.81 -12.86
N ALA B 115 -7.35 7.83 -12.98
CA ALA B 115 -6.67 7.52 -14.24
C ALA B 115 -5.24 7.12 -13.93
N GLU B 116 -4.70 6.26 -14.78
CA GLU B 116 -3.29 5.88 -14.67
C GLU B 116 -2.79 5.49 -16.05
N SER B 117 -1.56 5.86 -16.33
CA SER B 117 -0.85 5.50 -17.57
CA SER B 117 -0.86 5.51 -17.58
C SER B 117 0.59 5.18 -17.21
N GLY B 118 1.16 4.13 -17.81
CA GLY B 118 2.45 3.60 -17.41
C GLY B 118 3.41 3.44 -18.58
N LEU B 119 3.84 2.20 -18.79
CA LEU B 119 4.75 1.85 -19.86
C LEU B 119 3.97 1.62 -21.15
N ILE B 120 4.25 2.37 -22.18
CA ILE B 120 3.47 2.34 -23.45
C ILE B 120 4.11 1.37 -24.43
N ASN B 121 5.41 1.41 -24.56
CA ASN B 121 6.14 0.57 -25.53
C ASN B 121 7.53 0.33 -24.97
N ASP B 122 8.08 -0.84 -25.21
CA ASP B 122 9.43 -1.14 -24.72
C ASP B 122 10.29 -1.77 -25.81
N ASP B 123 10.09 -1.37 -27.08
CA ASP B 123 10.94 -1.89 -28.18
C ASP B 123 12.40 -1.54 -27.92
N ASN B 124 12.65 -0.33 -27.41
CA ASN B 124 14.01 0.20 -27.25
C ASN B 124 14.15 0.70 -25.81
N PRO B 125 14.52 -0.19 -24.86
CA PRO B 125 14.73 0.25 -23.46
C PRO B 125 15.53 1.52 -23.37
N PRO B 126 15.20 2.49 -22.54
CA PRO B 126 14.18 2.43 -21.49
C PRO B 126 12.75 2.57 -21.90
N GLY B 127 12.46 2.69 -23.18
CA GLY B 127 11.09 2.64 -23.65
C GLY B 127 10.36 3.97 -23.67
N ILE B 128 9.08 3.89 -23.96
CA ILE B 128 8.17 5.04 -24.09
C ILE B 128 7.13 4.89 -23.03
N TRP B 129 6.98 5.94 -22.21
CA TRP B 129 6.12 5.94 -21.05
C TRP B 129 5.05 7.03 -21.18
N ALA B 130 4.12 7.04 -20.22
CA ALA B 130 3.16 8.10 -20.11
C ALA B 130 3.81 9.48 -20.11
N SER B 131 4.96 9.62 -19.44
CA SER B 131 5.64 10.91 -19.40
C SER B 131 6.10 11.34 -20.79
N ASP B 132 6.47 10.38 -21.65
CA ASP B 132 6.82 10.68 -23.04
C ASP B 132 5.57 11.06 -23.83
N ASN B 133 4.44 10.43 -23.56
CA ASN B 133 3.17 10.92 -24.15
C ASN B 133 2.90 12.35 -23.75
N LEU B 134 3.16 12.67 -22.47
CA LEU B 134 2.92 14.02 -21.94
C LEU B 134 3.80 15.03 -22.71
N ILE B 135 5.08 14.69 -22.89
CA ILE B 135 5.97 15.57 -23.67
C ILE B 135 5.39 15.76 -25.07
N ALA B 136 5.00 14.69 -25.72
CA ALA B 136 4.52 14.77 -27.12
C ALA B 136 3.26 15.61 -27.21
N ALA B 137 2.42 15.64 -26.19
CA ALA B 137 1.19 16.43 -26.16
C ALA B 137 1.45 17.82 -25.62
N ASN B 138 2.46 18.48 -26.15
CA ASN B 138 2.74 19.86 -25.72
C ASN B 138 3.01 19.95 -24.23
N ASN B 139 3.72 18.97 -23.64
CA ASN B 139 4.00 18.97 -22.21
C ASN B 139 2.72 19.15 -21.43
N SER B 140 1.71 18.36 -21.71
CA SER B 140 0.42 18.49 -21.05
C SER B 140 -0.22 17.15 -20.81
N TRP B 141 -1.18 17.13 -19.93
CA TRP B 141 -1.96 15.93 -19.63
C TRP B 141 -3.43 16.32 -19.54
N THR B 142 -4.29 15.47 -20.05
CA THR B 142 -5.73 15.72 -20.00
C THR B 142 -6.41 14.64 -19.15
N VAL B 143 -7.09 15.05 -18.13
CA VAL B 143 -7.80 14.23 -17.13
CA VAL B 143 -7.79 14.01 -17.41
C VAL B 143 -9.30 14.31 -17.44
N THR B 144 -10.00 13.21 -17.62
CA THR B 144 -11.45 13.23 -17.73
C THR B 144 -12.05 13.00 -16.35
N ILE B 145 -12.91 13.89 -15.90
CA ILE B 145 -13.56 13.74 -14.60
C ILE B 145 -14.72 12.79 -14.76
N PRO B 146 -14.80 11.72 -13.96
CA PRO B 146 -15.89 10.77 -14.12
C PRO B 146 -17.27 11.46 -13.93
N THR B 147 -18.23 10.91 -14.62
CA THR B 147 -19.64 11.36 -14.51
C THR B 147 -20.37 10.59 -13.44
N THR B 148 -19.75 9.59 -12.82
CA THR B 148 -20.39 8.69 -11.86
C THR B 148 -20.20 9.10 -10.40
N ILE B 149 -19.39 10.09 -10.14
CA ILE B 149 -19.13 10.52 -8.74
C ILE B 149 -20.10 11.63 -8.38
N ALA B 150 -20.32 11.71 -7.12
CA ALA B 150 -21.18 12.76 -6.56
C ALA B 150 -20.60 14.12 -6.83
N PRO B 151 -21.44 15.07 -7.29
CA PRO B 151 -21.00 16.45 -7.42
CA PRO B 151 -20.94 16.43 -7.45
C PRO B 151 -20.50 17.00 -6.06
N GLY B 152 -19.59 17.92 -6.09
CA GLY B 152 -19.06 18.58 -4.91
C GLY B 152 -17.66 19.01 -5.19
N ASN B 153 -16.97 19.44 -4.17
CA ASN B 153 -15.61 20.01 -4.36
C ASN B 153 -14.60 18.90 -4.08
N TYR B 154 -13.56 18.80 -4.89
CA TYR B 154 -12.55 17.74 -4.81
C TYR B 154 -11.18 18.35 -5.09
N VAL B 155 -10.19 17.75 -4.48
CA VAL B 155 -8.77 17.97 -4.87
C VAL B 155 -8.42 16.97 -5.96
N LEU B 156 -7.87 17.46 -7.06
CA LEU B 156 -7.20 16.61 -8.06
C LEU B 156 -5.73 16.60 -7.74
N ARG B 157 -5.22 15.41 -7.47
CA ARG B 157 -3.78 15.18 -7.26
C ARG B 157 -3.26 14.53 -8.53
N HIS B 158 -2.51 15.31 -9.32
CA HIS B 158 -1.96 14.96 -10.60
C HIS B 158 -0.48 14.69 -10.44
N GLU B 159 0.09 13.62 -10.97
CA GLU B 159 1.46 13.25 -10.60
C GLU B 159 2.20 12.57 -11.75
N ILE B 160 3.44 12.96 -11.92
CA ILE B 160 4.43 12.19 -12.70
C ILE B 160 5.35 11.51 -11.72
N ILE B 161 5.70 10.25 -11.95
CA ILE B 161 6.76 9.58 -11.20
C ILE B 161 7.90 9.30 -12.17
N ALA B 162 9.02 9.96 -12.01
CA ALA B 162 10.19 9.73 -12.88
C ALA B 162 11.03 8.59 -12.33
N LEU B 163 11.39 7.66 -13.22
CA LEU B 163 12.04 6.39 -12.83
C LEU B 163 13.47 6.27 -13.34
N HIS B 164 14.07 7.33 -13.84
CA HIS B 164 15.43 7.25 -14.40
C HIS B 164 16.48 6.93 -13.36
N SER B 165 16.21 7.15 -12.10
CA SER B 165 17.13 6.85 -10.97
C SER B 165 16.50 5.82 -10.03
N ALA B 166 15.45 5.11 -10.46
CA ALA B 166 14.66 4.28 -9.57
C ALA B 166 15.26 2.89 -9.32
N GLN B 167 16.42 2.57 -9.87
CA GLN B 167 17.09 1.28 -9.68
CA GLN B 167 16.85 1.19 -9.65
C GLN B 167 17.35 1.01 -8.23
N ASN B 168 17.63 2.06 -7.52
CA ASN B 168 17.93 1.94 -6.07
C ASN B 168 16.81 2.47 -5.19
N GLN B 169 16.69 1.87 -4.01
CA GLN B 169 15.61 2.24 -3.04
C GLN B 169 15.68 3.78 -2.83
N ASP B 170 14.55 4.36 -2.80
CA ASP B 170 14.28 5.79 -2.64
C ASP B 170 14.70 6.63 -3.83
N GLY B 171 14.94 6.00 -4.98
CA GLY B 171 15.40 6.72 -6.15
C GLY B 171 14.28 7.22 -7.05
N ALA B 172 13.09 6.68 -6.97
CA ALA B 172 11.97 7.21 -7.77
C ALA B 172 11.67 8.62 -7.32
N GLN B 173 11.27 9.46 -8.25
CA GLN B 173 11.01 10.88 -8.00
C GLN B 173 9.56 11.20 -8.29
N ASN B 174 8.80 11.51 -7.25
CA ASN B 174 7.37 11.81 -7.42
C ASN B 174 7.16 13.31 -7.52
N TYR B 175 6.35 13.72 -8.49
CA TYR B 175 6.07 15.13 -8.78
C TYR B 175 4.57 15.34 -8.69
N PRO B 176 3.99 15.38 -7.49
CA PRO B 176 2.57 15.67 -7.35
C PRO B 176 2.29 17.16 -7.49
N GLN B 177 1.14 17.48 -8.08
CA GLN B 177 0.62 18.83 -8.22
C GLN B 177 -0.88 18.77 -7.97
N CYS B 178 -1.35 19.55 -7.02
CA CYS B 178 -2.78 19.50 -6.63
C CYS B 178 -3.49 20.78 -7.06
N ILE B 179 -4.72 20.61 -7.51
CA ILE B 179 -5.63 21.71 -7.83
C ILE B 179 -7.01 21.44 -7.25
N ASN B 180 -7.79 22.49 -7.05
CA ASN B 180 -9.14 22.39 -6.53
C ASN B 180 -10.19 22.49 -7.63
N LEU B 181 -11.08 21.52 -7.61
CA LEU B 181 -12.16 21.40 -8.62
C LEU B 181 -13.54 21.36 -7.99
N GLN B 182 -14.51 21.94 -8.69
CA GLN B 182 -15.93 21.79 -8.38
C GLN B 182 -16.51 20.89 -9.47
N VAL B 183 -16.81 19.65 -9.07
CA VAL B 183 -17.39 18.62 -9.94
C VAL B 183 -18.89 18.89 -10.00
N THR B 184 -19.42 18.84 -11.22
CA THR B 184 -20.82 19.14 -11.48
C THR B 184 -21.48 18.00 -12.20
N GLY B 185 -22.83 17.95 -12.19
CA GLY B 185 -23.64 17.01 -12.95
C GLY B 185 -24.45 16.10 -12.06
N GLY B 186 -24.66 14.87 -12.53
CA GLY B 186 -25.65 13.93 -11.95
C GLY B 186 -25.12 12.64 -11.40
N GLY B 187 -23.85 12.54 -11.09
CA GLY B 187 -23.30 11.33 -10.47
C GLY B 187 -23.68 11.19 -9.05
N SER B 188 -23.40 10.05 -8.45
CA SER B 188 -23.76 9.77 -7.04
C SER B 188 -22.74 8.94 -6.27
N ASP B 189 -21.68 8.42 -6.88
CA ASP B 189 -20.78 7.58 -6.09
C ASP B 189 -19.89 8.40 -5.16
N ASN B 190 -19.53 7.77 -4.04
CA ASN B 190 -18.52 8.23 -3.04
C ASN B 190 -17.43 7.15 -2.95
N PRO B 191 -16.47 7.05 -3.87
CA PRO B 191 -15.52 5.91 -3.86
C PRO B 191 -14.56 5.75 -2.68
N ALA B 192 -14.15 4.52 -2.42
CA ALA B 192 -13.22 4.22 -1.33
C ALA B 192 -11.87 4.91 -1.58
N GLY B 193 -11.42 5.71 -0.60
CA GLY B 193 -10.15 6.42 -0.74
C GLY B 193 -9.06 5.97 0.14
N THR B 194 -7.85 6.35 -0.25
CA THR B 194 -6.59 5.97 0.39
C THR B 194 -5.91 7.24 0.86
N LEU B 195 -5.41 7.27 2.10
CA LEU B 195 -4.63 8.40 2.56
C LEU B 195 -3.40 8.62 1.66
N GLY B 196 -3.02 9.89 1.46
CA GLY B 196 -1.78 10.17 0.71
C GLY B 196 -0.58 9.35 1.16
N THR B 197 -0.42 9.19 2.48
CA THR B 197 0.69 8.43 3.05
C THR B 197 0.55 6.93 2.93
N ALA B 198 -0.49 6.43 2.34
CA ALA B 198 -0.60 5.01 2.06
C ALA B 198 -0.64 4.73 0.58
N LEU B 199 -0.42 5.77 -0.27
CA LEU B 199 -0.40 5.49 -1.71
C LEU B 199 0.75 4.57 -2.09
N TYR B 200 1.94 4.89 -1.63
CA TYR B 200 3.19 4.29 -2.14
C TYR B 200 4.07 3.85 -1.02
N HIS B 201 4.81 2.74 -1.27
CA HIS B 201 5.89 2.31 -0.43
C HIS B 201 7.14 2.18 -1.30
N ASP B 202 8.29 2.36 -0.69
CA ASP B 202 9.51 2.54 -1.48
C ASP B 202 10.12 1.25 -2.05
N THR B 203 9.51 0.10 -1.84
CA THR B 203 9.88 -1.16 -2.48
C THR B 203 8.84 -1.67 -3.45
N ASP B 204 7.79 -0.88 -3.72
CA ASP B 204 6.74 -1.35 -4.64
C ASP B 204 7.35 -1.65 -6.01
N PRO B 205 6.77 -2.61 -6.74
CA PRO B 205 7.39 -3.09 -7.96
C PRO B 205 7.46 -2.09 -9.13
N GLY B 206 6.63 -1.07 -9.10
CA GLY B 206 6.69 0.02 -10.08
C GLY B 206 7.45 1.22 -9.62
N ILE B 207 8.02 1.13 -8.42
CA ILE B 207 8.77 2.21 -7.80
C ILE B 207 10.26 1.88 -7.73
N LEU B 208 10.58 0.68 -7.27
CA LEU B 208 11.97 0.18 -7.17
C LEU B 208 12.14 -0.72 -8.38
N ILE B 209 12.75 -0.18 -9.44
CA ILE B 209 12.70 -0.82 -10.76
C ILE B 209 13.84 -0.26 -11.61
N ASN B 210 14.39 -1.11 -12.46
CA ASN B 210 15.40 -0.75 -13.46
CA ASN B 210 15.41 -0.72 -13.44
C ASN B 210 14.78 -0.66 -14.85
N ILE B 211 14.48 0.56 -15.27
CA ILE B 211 13.81 0.74 -16.56
C ILE B 211 14.73 0.54 -17.77
N TYR B 212 16.04 0.40 -17.54
CA TYR B 212 16.98 0.35 -18.66
C TYR B 212 17.10 -1.05 -19.24
N GLN B 213 16.60 -2.02 -18.51
CA GLN B 213 16.51 -3.43 -18.90
CA GLN B 213 16.55 -3.41 -18.99
C GLN B 213 15.18 -3.64 -19.65
N LYS B 214 15.07 -4.71 -20.37
CA LYS B 214 13.80 -5.10 -20.98
C LYS B 214 12.77 -5.39 -19.87
N LEU B 215 11.60 -4.77 -19.97
CA LEU B 215 10.46 -4.98 -19.06
C LEU B 215 9.33 -5.66 -19.86
N SER B 216 8.77 -6.73 -19.32
CA SER B 216 7.65 -7.46 -19.96
C SER B 216 6.35 -6.95 -19.41
N SER B 217 6.41 -6.23 -18.29
CA SER B 217 5.20 -5.58 -17.76
C SER B 217 5.60 -4.44 -16.83
N TYR B 218 4.63 -3.63 -16.45
CA TYR B 218 4.86 -2.57 -15.47
C TYR B 218 3.62 -2.41 -14.60
N ILE B 219 3.83 -2.51 -13.27
CA ILE B 219 2.72 -2.36 -12.32
CA ILE B 219 2.78 -2.40 -12.24
C ILE B 219 2.67 -0.93 -11.84
N ILE B 220 1.67 -0.20 -12.39
CA ILE B 220 1.56 1.22 -12.11
C ILE B 220 1.32 1.31 -10.63
N PRO B 221 2.09 2.13 -9.90
CA PRO B 221 1.93 2.25 -8.48
C PRO B 221 0.58 2.81 -8.04
N GLY B 222 0.32 2.60 -6.75
CA GLY B 222 -0.83 3.18 -6.04
C GLY B 222 -2.00 2.23 -5.99
N PRO B 223 -3.06 2.65 -5.31
CA PRO B 223 -4.23 1.82 -5.13
C PRO B 223 -4.99 1.65 -6.40
N PRO B 224 -5.99 0.75 -6.34
N PRO B 224 -5.92 0.67 -6.49
CA PRO B 224 -6.80 0.37 -7.51
CA PRO B 224 -6.49 0.32 -7.78
C PRO B 224 -7.56 1.48 -8.26
C PRO B 224 -7.36 1.48 -8.23
N LEU B 225 -7.48 1.52 -9.56
CA LEU B 225 -8.32 2.44 -10.31
C LEU B 225 -9.79 2.30 -9.90
N TYR B 226 -10.46 3.39 -9.66
CA TYR B 226 -11.92 3.47 -9.54
C TYR B 226 -12.51 3.46 -10.93
N THR B 227 -13.48 2.59 -11.12
CA THR B 227 -14.38 2.59 -12.32
C THR B 227 -15.84 2.55 -11.82
N GLY B 228 -16.68 3.52 -12.18
CA GLY B 228 -18.10 3.40 -11.82
C GLY B 228 -18.76 2.22 -12.50
#